data_4EA2
#
_entry.id   4EA2
#
_cell.length_a   80.146
_cell.length_b   80.146
_cell.length_c   90.861
_cell.angle_alpha   90.00
_cell.angle_beta   90.00
_cell.angle_gamma   120.00
#
_symmetry.space_group_name_H-M   'P 32 2 1'
#
loop_
_entity.id
_entity.type
_entity.pdbx_description
1 polymer 'Dehydrosqualene synthase'
2 non-polymer "N-[(2Z)-3,7-dimethylocta-2,6-dien-1-yl]-N'-[(1R,3S,5R,7R)-tricyclo[3.3.1.1~3,7~]dec-2-yl]ethane-1,2-diamine"
3 non-polymer 'S,R MESO-TARTARIC ACID'
4 non-polymer 'MAGNESIUM ION'
5 water water
#
_entity_poly.entity_id   1
_entity_poly.type   'polypeptide(L)'
_entity_poly.pdbx_seq_one_letter_code
;MTMMDMNFKYCHKIMKKHSKSFSYAFDLLPEDQRKAVWAIYAVCRKIDDSIDVYGDIQFLNQIKEDIQSIEKYPYEYHHF
QSDRRIMMALQHVAQHKNIAFQSFYNLIDTVYKDQHFTMFETDAELFGYCYGVAGTVGEVLTPILSDHETHQTYDVARRL
GESLQLINILRDVGEDFENERIYFSKQRLKQYEVDIAEVYQNGVNNHYIDLWEYYAAIAEKDFRDVMDQIKVFSIEAQPI
IELAARIYIEILDEVRQANYTLHERVFVEKRKKAKLFHEINSKYHRI
;
_entity_poly.pdbx_strand_id   A
#
loop_
_chem_comp.id
_chem_comp.type
_chem_comp.name
_chem_comp.formula
MG non-polymer 'MAGNESIUM ION' 'Mg 2'
RWZ non-polymer N-[(2Z)-3,7-dimethylocta-2,6-dien-1-yl]-N'-[(1R,3S,5R,7R)-tricyclo[3.3.1.1~3,7~]dec-2-yl]ethane-1,2-diamine 'C22 H38 N2'
SRT non-polymer 'S,R MESO-TARTARIC ACID' 'C4 H6 O6'
#
# COMPACT_ATOMS: atom_id res chain seq x y z
N MET A 1 0.92 12.64 -27.90
CA MET A 1 1.53 12.02 -26.68
C MET A 1 3.05 12.12 -26.76
N THR A 2 3.65 12.93 -25.89
CA THR A 2 5.11 12.97 -25.74
C THR A 2 5.63 11.62 -25.21
N MET A 3 6.94 11.48 -25.05
CA MET A 3 7.49 10.19 -24.63
C MET A 3 7.27 9.92 -23.14
N MET A 4 7.47 10.97 -22.35
CA MET A 4 7.18 10.96 -20.93
C MET A 4 5.74 10.56 -20.65
N ASP A 5 4.81 11.02 -21.49
CA ASP A 5 3.42 10.58 -21.34
C ASP A 5 3.30 9.07 -21.36
N MET A 6 3.97 8.43 -22.34
CA MET A 6 3.96 6.97 -22.49
C MET A 6 4.59 6.35 -21.24
N ASN A 7 5.64 6.98 -20.72
CA ASN A 7 6.24 6.50 -19.47
C ASN A 7 5.22 6.49 -18.34
N PHE A 8 4.44 7.58 -18.23
CA PHE A 8 3.46 7.69 -17.17
C PHE A 8 2.29 6.75 -17.43
N LYS A 9 1.92 6.60 -18.70
CA LYS A 9 0.79 5.74 -19.04
C LYS A 9 1.12 4.29 -18.73
N TYR A 10 2.39 3.94 -18.87
CA TYR A 10 2.84 2.63 -18.45
C TYR A 10 2.74 2.46 -16.92
N CYS A 11 3.35 3.38 -16.18
CA CYS A 11 3.09 3.49 -14.74
C CYS A 11 1.66 3.31 -14.34
N HIS A 12 0.76 4.03 -15.03
CA HIS A 12 -0.69 3.94 -14.77
C HIS A 12 -1.25 2.49 -14.91
N LYS A 13 -0.88 1.85 -16.01
CA LYS A 13 -1.25 0.45 -16.32
C LYS A 13 -0.84 -0.48 -15.18
N ILE A 14 0.37 -0.26 -14.66
CA ILE A 14 0.84 -1.11 -13.59
C ILE A 14 -0.04 -0.95 -12.36
N MET A 15 -0.43 0.31 -12.09
CA MET A 15 -1.15 0.59 -10.86
C MET A 15 -2.58 0.01 -10.96
N LYS A 16 -3.24 0.28 -12.06
CA LYS A 16 -4.58 -0.24 -12.33
C LYS A 16 -4.61 -1.76 -12.32
N LYS A 17 -3.66 -2.36 -13.00
CA LYS A 17 -3.51 -3.81 -12.98
C LYS A 17 -3.46 -4.32 -11.53
N HIS A 18 -2.60 -3.73 -10.71
CA HIS A 18 -2.39 -4.24 -9.36
C HIS A 18 -3.57 -3.91 -8.45
N SER A 19 -4.09 -2.68 -8.52
CA SER A 19 -5.04 -2.19 -7.49
C SER A 19 -6.15 -1.35 -8.07
N LYS A 20 -7.26 -2.01 -8.38
CA LYS A 20 -8.42 -1.34 -8.90
C LYS A 20 -8.91 -0.22 -7.97
N SER A 21 -8.82 -0.43 -6.66
CA SER A 21 -9.24 0.56 -5.66
C SER A 21 -8.43 1.84 -5.67
N PHE A 22 -7.10 1.72 -5.59
CA PHE A 22 -6.27 2.92 -5.49
C PHE A 22 -6.28 3.65 -6.80
N SER A 23 -6.34 2.89 -7.88
CA SER A 23 -6.49 3.49 -9.19
C SER A 23 -7.78 4.30 -9.23
N TYR A 24 -8.88 3.66 -8.82
CA TYR A 24 -10.20 4.30 -8.89
C TYR A 24 -10.16 5.67 -8.15
N ALA A 25 -9.53 5.69 -6.98
CA ALA A 25 -9.42 6.93 -6.18
C ALA A 25 -8.41 7.91 -6.76
N PHE A 26 -7.16 7.45 -6.94
CA PHE A 26 -6.08 8.38 -7.23
C PHE A 26 -6.07 8.90 -8.66
N ASP A 27 -6.74 8.18 -9.58
CA ASP A 27 -6.98 8.76 -10.90
C ASP A 27 -7.86 10.00 -10.89
N LEU A 28 -8.56 10.23 -9.78
CA LEU A 28 -9.38 11.46 -9.64
C LEU A 28 -8.58 12.70 -9.31
N LEU A 29 -7.30 12.56 -8.99
CA LEU A 29 -6.44 13.73 -8.68
C LEU A 29 -6.25 14.61 -9.89
N PRO A 30 -5.88 15.89 -9.68
CA PRO A 30 -5.43 16.68 -10.82
C PRO A 30 -4.28 15.98 -11.55
N GLU A 31 -4.14 16.26 -12.85
CA GLU A 31 -3.11 15.66 -13.73
C GLU A 31 -1.71 15.57 -13.13
N ASP A 32 -1.22 16.66 -12.58
CA ASP A 32 0.15 16.72 -12.08
C ASP A 32 0.32 15.72 -10.96
N GLN A 33 -0.70 15.64 -10.10
CA GLN A 33 -0.59 14.85 -8.88
C GLN A 33 -0.80 13.40 -9.17
N ARG A 34 -1.82 13.07 -9.98
CA ARG A 34 -2.08 11.68 -10.27
C ARG A 34 -0.92 11.00 -11.00
N LYS A 35 -0.24 11.74 -11.88
CA LYS A 35 0.90 11.21 -12.64
C LYS A 35 2.09 10.94 -11.73
N ALA A 36 2.34 11.83 -10.79
CA ALA A 36 3.33 11.55 -9.72
C ALA A 36 3.00 10.29 -8.92
N VAL A 37 1.74 10.10 -8.55
CA VAL A 37 1.32 8.92 -7.81
C VAL A 37 1.49 7.66 -8.64
N TRP A 38 1.06 7.68 -9.90
CA TRP A 38 1.28 6.49 -10.79
C TRP A 38 2.73 6.02 -10.77
N ALA A 39 3.63 7.00 -10.87
CA ALA A 39 5.06 6.74 -10.95
C ALA A 39 5.63 6.16 -9.63
N ILE A 40 5.24 6.75 -8.50
CA ILE A 40 5.65 6.20 -7.21
C ILE A 40 5.07 4.81 -6.99
N TYR A 41 3.82 4.63 -7.35
CA TYR A 41 3.17 3.33 -7.23
C TYR A 41 3.87 2.26 -8.06
N ALA A 42 4.29 2.62 -9.26
CA ALA A 42 4.86 1.64 -10.18
C ALA A 42 6.20 1.17 -9.66
N VAL A 43 7.05 2.11 -9.25
CA VAL A 43 8.31 1.79 -8.61
C VAL A 43 8.07 0.80 -7.46
N CYS A 44 7.17 1.14 -6.57
CA CYS A 44 7.00 0.31 -5.39
C CYS A 44 6.48 -1.10 -5.80
N ARG A 45 5.61 -1.15 -6.82
CA ARG A 45 5.08 -2.42 -7.34
C ARG A 45 6.19 -3.30 -7.91
N LYS A 46 7.11 -2.66 -8.62
CA LYS A 46 8.25 -3.33 -9.22
C LYS A 46 9.20 -3.87 -8.14
N ILE A 47 9.40 -3.08 -7.09
CA ILE A 47 10.23 -3.53 -5.96
C ILE A 47 9.51 -4.73 -5.28
N ASP A 48 8.21 -4.63 -5.11
CA ASP A 48 7.43 -5.70 -4.50
C ASP A 48 7.62 -7.03 -5.27
N ASP A 49 7.81 -6.94 -6.59
CA ASP A 49 7.73 -8.12 -7.47
C ASP A 49 9.11 -8.69 -7.82
N SER A 50 10.15 -7.95 -7.48
CA SER A 50 11.43 -8.08 -8.13
C SER A 50 12.06 -9.46 -7.90
N ILE A 51 11.67 -10.11 -6.82
CA ILE A 51 12.25 -11.38 -6.50
C ILE A 51 11.63 -12.47 -7.33
N ASP A 52 10.31 -12.51 -7.31
CA ASP A 52 9.53 -13.45 -8.13
C ASP A 52 8.69 -14.53 -7.45
N ASP A 56 15.86 -14.37 -7.76
CA ASP A 56 16.87 -13.81 -6.87
C ASP A 56 16.89 -12.29 -6.82
N ILE A 57 17.78 -11.75 -6.02
CA ILE A 57 17.85 -10.31 -5.79
C ILE A 57 18.50 -9.43 -6.82
N GLN A 58 18.85 -9.94 -7.98
CA GLN A 58 19.51 -9.09 -8.92
C GLN A 58 18.68 -7.93 -9.47
N PHE A 59 17.44 -8.18 -9.82
CA PHE A 59 16.63 -7.10 -10.32
C PHE A 59 16.38 -6.11 -9.21
N LEU A 60 16.28 -6.60 -7.99
CA LEU A 60 16.07 -5.70 -6.86
C LEU A 60 17.24 -4.73 -6.72
N ASN A 61 18.45 -5.28 -6.77
CA ASN A 61 19.64 -4.47 -6.63
C ASN A 61 19.72 -3.42 -7.74
N GLN A 62 19.19 -3.77 -8.91
CA GLN A 62 19.12 -2.88 -10.07
C GLN A 62 18.15 -1.71 -9.88
N ILE A 63 16.92 -2.01 -9.41
CA ILE A 63 15.97 -0.99 -8.99
C ILE A 63 16.64 -0.09 -7.96
N LYS A 64 17.33 -0.68 -6.99
CA LYS A 64 17.88 0.13 -5.91
C LYS A 64 18.94 1.11 -6.46
N GLU A 65 19.77 0.61 -7.37
CA GLU A 65 20.84 1.42 -7.95
C GLU A 65 20.28 2.51 -8.81
N ASP A 66 19.17 2.21 -9.50
CA ASP A 66 18.46 3.20 -10.30
C ASP A 66 17.99 4.36 -9.48
N ILE A 67 17.32 4.02 -8.39
CA ILE A 67 16.84 5.01 -7.44
C ILE A 67 17.97 5.82 -6.84
N GLN A 68 19.08 5.18 -6.50
CA GLN A 68 20.26 5.89 -6.01
C GLN A 68 20.88 6.89 -7.01
N SER A 69 21.02 6.48 -8.28
CA SER A 69 21.43 7.42 -9.35
C SER A 69 20.52 8.66 -9.38
N ILE A 70 19.18 8.45 -9.38
CA ILE A 70 18.22 9.57 -9.38
C ILE A 70 18.45 10.51 -8.19
N GLU A 71 18.66 9.93 -7.03
CA GLU A 71 18.81 10.72 -5.81
C GLU A 71 20.07 11.58 -5.92
N LYS A 72 21.16 10.93 -6.32
CA LYS A 72 22.46 11.58 -6.35
C LYS A 72 22.57 12.56 -7.52
N TYR A 73 21.88 12.27 -8.64
CA TYR A 73 22.04 13.03 -9.91
C TYR A 73 20.71 13.26 -10.61
N PRO A 74 19.85 14.04 -9.95
CA PRO A 74 18.46 14.14 -10.35
C PRO A 74 18.30 14.65 -11.79
N TYR A 75 19.32 15.38 -12.27
CA TYR A 75 19.24 16.13 -13.54
C TYR A 75 20.16 15.58 -14.65
N GLU A 76 20.78 14.44 -14.42
CA GLU A 76 21.62 13.82 -15.45
C GLU A 76 20.85 12.69 -16.17
N TYR A 77 21.17 12.47 -17.43
CA TYR A 77 20.67 11.31 -18.10
C TYR A 77 21.28 10.04 -17.50
N HIS A 78 20.42 9.09 -17.11
CA HIS A 78 20.92 7.76 -16.71
C HIS A 78 20.53 6.70 -17.71
N HIS A 79 21.39 5.69 -17.87
CA HIS A 79 21.01 4.42 -18.45
C HIS A 79 20.51 3.45 -17.37
N PHE A 80 19.20 3.48 -17.13
CA PHE A 80 18.64 2.66 -16.04
C PHE A 80 18.86 1.16 -16.27
N GLN A 81 19.18 0.44 -15.20
CA GLN A 81 19.37 -1.00 -15.31
C GLN A 81 18.07 -1.78 -15.24
N SER A 82 17.03 -1.21 -14.60
CA SER A 82 15.83 -1.97 -14.30
C SER A 82 14.72 -1.70 -15.31
N ASP A 83 13.63 -1.05 -14.88
CA ASP A 83 12.60 -0.68 -15.82
C ASP A 83 12.68 0.80 -16.19
N ARG A 84 13.15 1.09 -17.41
CA ARG A 84 13.45 2.47 -17.86
C ARG A 84 12.23 3.40 -17.89
N ARG A 85 11.08 2.89 -18.31
CA ARG A 85 9.85 3.73 -18.36
C ARG A 85 9.46 4.22 -16.96
N ILE A 86 9.52 3.30 -16.00
CA ILE A 86 9.25 3.65 -14.62
C ILE A 86 10.26 4.61 -14.03
N MET A 87 11.55 4.36 -14.24
CA MET A 87 12.56 5.23 -13.59
C MET A 87 12.62 6.62 -14.20
N MET A 88 12.40 6.72 -15.51
CA MET A 88 12.33 8.06 -16.18
C MET A 88 11.20 8.85 -15.54
N ALA A 89 10.06 8.18 -15.33
CA ALA A 89 8.93 8.88 -14.74
C ALA A 89 9.24 9.25 -13.30
N LEU A 90 9.84 8.36 -12.52
CA LEU A 90 10.24 8.74 -11.17
C LEU A 90 11.20 9.90 -11.17
N GLN A 91 12.16 9.85 -12.07
CA GLN A 91 13.12 10.96 -12.16
C GLN A 91 12.44 12.32 -12.43
N HIS A 92 11.47 12.30 -13.32
CA HIS A 92 10.77 13.51 -13.72
C HIS A 92 9.96 14.01 -12.54
N VAL A 93 9.38 13.09 -11.77
CA VAL A 93 8.73 13.48 -10.53
C VAL A 93 9.72 14.16 -9.58
N ALA A 94 10.92 13.60 -9.43
CA ALA A 94 11.83 14.04 -8.37
C ALA A 94 12.44 15.40 -8.75
N GLN A 95 12.27 15.79 -9.99
CA GLN A 95 12.79 17.04 -10.46
C GLN A 95 11.86 18.16 -10.03
N HIS A 96 10.64 17.82 -9.63
CA HIS A 96 9.68 18.82 -9.24
C HIS A 96 9.18 18.68 -7.84
N LYS A 97 9.36 17.53 -7.22
CA LYS A 97 8.92 17.31 -5.85
C LYS A 97 10.03 16.70 -5.01
N ASN A 98 9.87 16.76 -3.71
CA ASN A 98 10.84 16.19 -2.78
C ASN A 98 10.53 14.78 -2.38
N ILE A 99 11.26 13.87 -2.97
CA ILE A 99 11.09 12.47 -2.72
C ILE A 99 11.85 12.06 -1.48
N ALA A 100 11.22 11.28 -0.62
CA ALA A 100 11.87 10.78 0.57
C ALA A 100 12.54 9.50 0.18
N PHE A 101 13.73 9.63 -0.35
CA PHE A 101 14.45 8.48 -0.82
C PHE A 101 14.65 7.37 0.23
N GLN A 102 14.89 7.75 1.47
CA GLN A 102 15.12 6.75 2.53
C GLN A 102 13.91 5.86 2.69
N SER A 103 12.74 6.40 2.33
CA SER A 103 11.54 5.61 2.43
C SER A 103 11.53 4.50 1.35
N PHE A 104 12.00 4.77 0.14
CA PHE A 104 12.16 3.63 -0.81
C PHE A 104 13.20 2.62 -0.32
N TYR A 105 14.29 3.10 0.26
CA TYR A 105 15.32 2.16 0.70
C TYR A 105 14.76 1.28 1.80
N ASN A 106 13.82 1.82 2.57
CA ASN A 106 13.26 1.10 3.71
C ASN A 106 12.42 0.00 3.13
N LEU A 107 11.61 0.34 2.12
CA LEU A 107 10.80 -0.63 1.41
C LEU A 107 11.66 -1.74 0.79
N ILE A 108 12.75 -1.35 0.15
CA ILE A 108 13.62 -2.31 -0.49
C ILE A 108 14.23 -3.29 0.51
N ASP A 109 14.68 -2.76 1.65
CA ASP A 109 15.22 -3.59 2.76
C ASP A 109 14.22 -4.61 3.28
N THR A 110 12.97 -4.19 3.39
CA THR A 110 11.91 -5.05 3.85
C THR A 110 11.62 -6.15 2.85
N VAL A 111 11.66 -5.82 1.58
CA VAL A 111 11.47 -6.84 0.56
C VAL A 111 12.64 -7.83 0.56
N TYR A 112 13.86 -7.34 0.68
CA TYR A 112 15.02 -8.18 0.77
C TYR A 112 14.73 -9.17 1.88
N LYS A 113 14.49 -8.68 3.09
CA LYS A 113 14.26 -9.51 4.25
C LYS A 113 13.18 -10.51 4.15
N ASP A 114 12.11 -10.16 3.52
CA ASP A 114 11.02 -11.07 3.40
C ASP A 114 11.45 -12.35 2.72
N GLN A 115 12.67 -12.36 2.23
CA GLN A 115 13.20 -13.53 1.58
C GLN A 115 13.37 -14.62 2.59
N HIS A 116 13.92 -14.29 3.74
CA HIS A 116 14.11 -15.26 4.78
C HIS A 116 13.11 -14.99 5.87
N PHE A 117 11.85 -14.98 5.49
CA PHE A 117 10.76 -14.73 6.39
C PHE A 117 10.49 -15.84 7.37
N THR A 118 10.27 -15.42 8.60
CA THR A 118 9.93 -16.30 9.67
C THR A 118 8.84 -15.51 10.32
N MET A 119 7.82 -16.19 10.76
CA MET A 119 6.70 -15.57 11.37
C MET A 119 7.06 -14.58 12.41
N PHE A 120 6.18 -13.61 12.56
CA PHE A 120 6.32 -12.58 13.59
C PHE A 120 6.05 -13.16 14.96
N GLU A 121 6.95 -12.87 15.91
CA GLU A 121 6.79 -13.34 17.30
C GLU A 121 5.73 -12.55 17.99
N THR A 122 5.71 -11.25 17.69
CA THR A 122 4.77 -10.33 18.34
C THR A 122 4.13 -9.37 17.35
N ASP A 123 3.10 -8.68 17.80
CA ASP A 123 2.45 -7.69 16.95
C ASP A 123 3.37 -6.52 16.60
N ALA A 124 4.34 -6.26 17.46
CA ALA A 124 5.23 -5.13 17.28
C ALA A 124 6.12 -5.40 16.06
N GLU A 125 6.43 -6.68 15.79
CA GLU A 125 7.16 -7.03 14.55
C GLU A 125 6.26 -6.93 13.35
N LEU A 126 5.04 -7.39 13.51
CA LEU A 126 4.04 -7.30 12.44
C LEU A 126 3.83 -5.84 12.03
N PHE A 127 3.60 -4.97 13.00
CA PHE A 127 3.42 -3.57 12.70
C PHE A 127 4.68 -2.94 12.12
N GLY A 128 5.85 -3.42 12.51
CA GLY A 128 7.09 -3.04 11.84
C GLY A 128 7.14 -3.39 10.38
N TYR A 129 6.72 -4.61 10.04
CA TYR A 129 6.54 -4.98 8.64
C TYR A 129 5.54 -4.08 7.87
N CYS A 130 4.42 -3.74 8.48
CA CYS A 130 3.44 -2.85 7.83
C CYS A 130 4.06 -1.51 7.56
N TYR A 131 4.92 -1.05 8.47
CA TYR A 131 5.64 0.19 8.20
C TYR A 131 6.55 0.00 6.97
N GLY A 132 7.37 -1.05 6.95
CA GLY A 132 8.37 -1.14 5.89
C GLY A 132 7.77 -1.31 4.50
N VAL A 133 6.59 -1.90 4.42
CA VAL A 133 5.99 -2.31 3.15
C VAL A 133 4.97 -1.27 2.70
N ALA A 134 4.53 -0.44 3.64
CA ALA A 134 3.39 0.42 3.29
C ALA A 134 3.45 1.81 3.93
N GLY A 135 3.75 1.87 5.23
CA GLY A 135 3.95 3.18 5.87
C GLY A 135 4.98 3.99 5.07
N THR A 136 6.06 3.33 4.66
CA THR A 136 7.09 3.99 3.82
C THR A 136 6.47 4.59 2.55
N VAL A 137 5.53 3.87 1.96
CA VAL A 137 4.86 4.34 0.76
C VAL A 137 4.03 5.59 1.02
N GLY A 138 3.28 5.61 2.12
CA GLY A 138 2.56 6.83 2.56
C GLY A 138 3.51 8.00 2.77
N GLU A 139 4.71 7.73 3.29
CA GLU A 139 5.72 8.77 3.46
C GLU A 139 6.20 9.38 2.13
N VAL A 140 6.57 8.54 1.15
CA VAL A 140 6.93 8.98 -0.21
C VAL A 140 5.84 9.80 -0.91
N LEU A 141 4.57 9.42 -0.73
CA LEU A 141 3.43 10.19 -1.25
C LEU A 141 3.12 11.54 -0.58
N THR A 142 3.61 11.73 0.62
CA THR A 142 3.27 12.91 1.40
C THR A 142 3.44 14.24 0.67
N PRO A 143 4.61 14.48 0.02
CA PRO A 143 4.74 15.74 -0.73
C PRO A 143 3.79 15.89 -1.89
N ILE A 144 3.37 14.79 -2.49
CA ILE A 144 2.46 14.88 -3.60
C ILE A 144 1.09 15.33 -3.11
N LEU A 145 0.69 14.80 -1.97
CA LEU A 145 -0.69 14.92 -1.49
C LEU A 145 -0.96 16.11 -0.53
N SER A 146 0.08 16.86 -0.16
CA SER A 146 -0.09 17.98 0.76
C SER A 146 0.66 19.20 0.30
N ASP A 147 0.17 20.37 0.69
CA ASP A 147 0.72 21.62 0.19
C ASP A 147 2.03 21.92 0.91
N HIS A 148 2.05 21.68 2.20
CA HIS A 148 3.19 22.00 3.05
C HIS A 148 3.33 20.86 4.03
N GLU A 149 4.45 20.13 3.90
CA GLU A 149 4.66 18.89 4.64
C GLU A 149 5.25 19.19 6.01
N THR A 150 4.65 18.64 7.05
CA THR A 150 5.22 18.70 8.39
C THR A 150 5.25 17.28 8.92
N HIS A 151 5.75 17.11 10.13
CA HIS A 151 5.86 15.81 10.72
C HIS A 151 4.47 15.17 10.90
N GLN A 152 3.45 16.02 11.09
CA GLN A 152 2.11 15.52 11.28
C GLN A 152 1.57 14.94 9.99
N THR A 153 1.90 15.56 8.87
CA THR A 153 1.44 15.09 7.59
C THR A 153 2.06 13.71 7.29
N TYR A 154 3.37 13.59 7.47
CA TYR A 154 4.04 12.28 7.35
C TYR A 154 3.39 11.26 8.30
N ASP A 155 3.21 11.62 9.55
CA ASP A 155 2.66 10.70 10.49
C ASP A 155 1.35 10.14 9.96
N VAL A 156 0.49 11.02 9.48
CA VAL A 156 -0.89 10.60 9.16
C VAL A 156 -0.85 9.69 7.92
N ALA A 157 0.01 10.05 6.97
CA ALA A 157 0.17 9.30 5.71
C ALA A 157 0.78 7.92 5.98
N ARG A 158 1.69 7.85 6.94
CA ARG A 158 2.34 6.61 7.33
C ARG A 158 1.37 5.68 8.04
N ARG A 159 0.52 6.26 8.89
CA ARG A 159 -0.56 5.50 9.50
C ARG A 159 -1.61 5.01 8.53
N LEU A 160 -1.96 5.86 7.57
CA LEU A 160 -2.88 5.43 6.54
C LEU A 160 -2.30 4.22 5.78
N GLY A 161 -1.06 4.35 5.30
CA GLY A 161 -0.37 3.22 4.63
C GLY A 161 -0.34 1.93 5.45
N GLU A 162 -0.01 2.01 6.72
CA GLU A 162 0.06 0.82 7.60
C GLU A 162 -1.30 0.17 7.86
N SER A 163 -2.31 1.01 7.91
CA SER A 163 -3.64 0.55 8.06
C SER A 163 -4.13 -0.19 6.80
N LEU A 164 -3.88 0.36 5.63
CA LEU A 164 -4.26 -0.29 4.39
C LEU A 164 -3.52 -1.61 4.29
N GLN A 165 -2.27 -1.64 4.71
CA GLN A 165 -1.53 -2.90 4.66
C GLN A 165 -2.17 -3.93 5.58
N LEU A 166 -2.61 -3.53 6.76
CA LEU A 166 -3.20 -4.47 7.66
C LEU A 166 -4.55 -5.01 7.15
N ILE A 167 -5.32 -4.15 6.48
CA ILE A 167 -6.55 -4.56 5.80
C ILE A 167 -6.26 -5.57 4.68
N ASN A 168 -5.25 -5.27 3.89
CA ASN A 168 -4.79 -6.20 2.88
C ASN A 168 -4.47 -7.56 3.53
N ILE A 169 -3.81 -7.56 4.67
CA ILE A 169 -3.45 -8.82 5.33
C ILE A 169 -4.74 -9.55 5.76
N LEU A 170 -5.72 -8.76 6.17
CA LEU A 170 -6.96 -9.34 6.66
C LEU A 170 -7.75 -9.94 5.50
N ARG A 171 -7.58 -9.39 4.31
CA ARG A 171 -8.31 -9.89 3.12
C ARG A 171 -7.71 -11.22 2.65
N ASP A 172 -6.42 -11.42 2.87
CA ASP A 172 -5.62 -12.33 2.06
C ASP A 172 -5.09 -13.49 2.90
N VAL A 173 -5.66 -13.69 4.09
CA VAL A 173 -5.20 -14.76 4.99
C VAL A 173 -4.97 -16.11 4.27
N GLY A 174 -5.97 -16.56 3.54
CA GLY A 174 -5.91 -17.87 2.85
C GLY A 174 -4.94 -17.92 1.69
N GLU A 175 -4.99 -16.90 0.83
CA GLU A 175 -3.98 -16.76 -0.22
C GLU A 175 -2.58 -16.68 0.32
N ASP A 176 -2.38 -15.89 1.37
CA ASP A 176 -1.02 -15.86 1.92
C ASP A 176 -0.65 -17.27 2.48
N PHE A 177 -1.59 -17.93 3.14
CA PHE A 177 -1.22 -19.21 3.75
C PHE A 177 -0.75 -20.20 2.63
N GLU A 178 -1.48 -20.24 1.51
CA GLU A 178 -0.98 -20.95 0.31
C GLU A 178 0.45 -20.63 -0.09
N ASN A 179 0.85 -19.37 0.04
CA ASN A 179 2.17 -19.02 -0.38
C ASN A 179 3.08 -19.07 0.81
N GLU A 180 2.66 -19.85 1.79
CA GLU A 180 3.49 -20.18 2.93
C GLU A 180 3.84 -18.96 3.77
N ARG A 181 2.90 -18.05 3.88
CA ARG A 181 3.11 -16.84 4.68
C ARG A 181 1.93 -16.74 5.65
N ILE A 182 2.25 -16.52 6.92
CA ILE A 182 1.26 -16.08 7.89
C ILE A 182 1.76 -14.81 8.55
N TYR A 183 0.90 -13.79 8.61
CA TYR A 183 1.29 -12.47 9.12
C TYR A 183 0.74 -12.15 10.53
N PHE A 184 -0.30 -12.86 10.95
CA PHE A 184 -0.68 -12.82 12.36
C PHE A 184 0.48 -13.25 13.23
N SER A 185 0.69 -12.55 14.34
CA SER A 185 1.85 -12.83 15.18
C SER A 185 1.65 -14.16 15.93
N LYS A 186 2.75 -14.84 16.21
CA LYS A 186 2.76 -16.03 17.07
C LYS A 186 2.14 -15.76 18.45
N GLN A 187 2.49 -14.63 19.05
CA GLN A 187 1.89 -14.27 20.32
C GLN A 187 0.37 -14.27 20.22
N ARG A 188 -0.15 -13.63 19.20
CA ARG A 188 -1.60 -13.42 19.12
C ARG A 188 -2.28 -14.72 18.66
N LEU A 189 -1.58 -15.52 17.87
CA LEU A 189 -2.11 -16.82 17.47
C LEU A 189 -2.22 -17.76 18.67
N LYS A 190 -1.22 -17.73 19.55
CA LYS A 190 -1.20 -18.56 20.75
C LYS A 190 -2.26 -18.09 21.72
N GLN A 191 -2.33 -16.78 21.96
CA GLN A 191 -3.37 -16.22 22.82
C GLN A 191 -4.81 -16.56 22.45
N TYR A 192 -5.16 -16.51 21.17
CA TYR A 192 -6.55 -16.74 20.75
C TYR A 192 -6.83 -18.22 20.41
N GLU A 193 -5.84 -19.07 20.58
CA GLU A 193 -5.97 -20.49 20.21
C GLU A 193 -6.30 -20.73 18.74
N VAL A 194 -5.47 -20.18 17.84
CA VAL A 194 -5.72 -20.31 16.41
C VAL A 194 -4.54 -20.96 15.70
N ASP A 195 -4.80 -21.85 14.75
CA ASP A 195 -3.73 -22.41 13.92
C ASP A 195 -4.19 -22.26 12.48
N ILE A 196 -3.51 -21.39 11.74
CA ILE A 196 -3.97 -21.04 10.42
C ILE A 196 -4.08 -22.27 9.50
N ALA A 197 -3.08 -23.15 9.52
CA ALA A 197 -3.20 -24.41 8.79
C ALA A 197 -4.50 -25.16 9.15
N GLU A 198 -4.78 -25.31 10.44
CA GLU A 198 -6.04 -25.95 10.87
C GLU A 198 -7.26 -25.24 10.29
N VAL A 199 -7.29 -23.92 10.41
CA VAL A 199 -8.44 -23.15 9.95
C VAL A 199 -8.61 -23.24 8.42
N TYR A 200 -7.50 -23.21 7.69
CA TYR A 200 -7.54 -23.37 6.24
C TYR A 200 -8.21 -24.70 5.88
N GLN A 201 -7.91 -25.73 6.67
CA GLN A 201 -8.47 -27.07 6.49
C GLN A 201 -9.96 -27.17 6.83
N ASN A 202 -10.38 -26.67 7.99
CA ASN A 202 -11.71 -27.02 8.52
C ASN A 202 -12.67 -25.86 8.61
N GLY A 203 -12.21 -24.68 8.18
CA GLY A 203 -13.11 -23.54 8.13
C GLY A 203 -13.02 -22.66 9.36
N VAL A 204 -13.76 -21.56 9.34
CA VAL A 204 -13.70 -20.63 10.42
C VAL A 204 -14.35 -21.27 11.66
N ASN A 205 -13.81 -20.95 12.83
CA ASN A 205 -14.54 -21.08 14.10
C ASN A 205 -14.54 -19.73 14.81
N ASN A 206 -14.99 -19.72 16.07
CA ASN A 206 -15.07 -18.48 16.84
C ASN A 206 -13.72 -17.94 17.27
N HIS A 207 -12.79 -18.80 17.62
CA HIS A 207 -11.46 -18.33 17.99
C HIS A 207 -10.87 -17.51 16.84
N TYR A 208 -10.98 -18.02 15.61
CA TYR A 208 -10.45 -17.34 14.44
C TYR A 208 -11.12 -16.00 14.22
N ILE A 209 -12.45 -15.99 14.26
CA ILE A 209 -13.18 -14.75 14.07
C ILE A 209 -12.71 -13.73 15.10
N ASP A 210 -12.54 -14.15 16.34
CA ASP A 210 -12.13 -13.23 17.41
C ASP A 210 -10.74 -12.65 17.09
N LEU A 211 -9.80 -13.52 16.71
CA LEU A 211 -8.46 -13.08 16.32
C LEU A 211 -8.51 -12.09 15.14
N TRP A 212 -9.26 -12.46 14.10
CA TRP A 212 -9.39 -11.60 12.93
C TRP A 212 -9.97 -10.25 13.33
N GLU A 213 -10.96 -10.28 14.20
CA GLU A 213 -11.67 -9.07 14.56
C GLU A 213 -10.82 -8.21 15.50
N TYR A 214 -9.91 -8.84 16.24
CA TYR A 214 -8.96 -8.08 17.05
C TYR A 214 -8.13 -7.17 16.13
N TYR A 215 -7.60 -7.74 15.04
CA TYR A 215 -6.80 -6.92 14.11
C TYR A 215 -7.66 -5.95 13.28
N ALA A 216 -8.89 -6.34 12.94
CA ALA A 216 -9.74 -5.43 12.18
C ALA A 216 -10.09 -4.18 12.97
N ALA A 217 -10.29 -4.34 14.27
CA ALA A 217 -10.57 -3.19 15.14
C ALA A 217 -9.36 -2.22 15.27
N ILE A 218 -8.15 -2.75 15.27
CA ILE A 218 -6.95 -1.92 15.13
C ILE A 218 -6.94 -1.11 13.83
N ALA A 219 -7.25 -1.78 12.71
CA ALA A 219 -7.24 -1.15 11.39
C ALA A 219 -8.32 -0.06 11.34
N GLU A 220 -9.49 -0.37 11.89
CA GLU A 220 -10.61 0.61 11.90
C GLU A 220 -10.37 1.85 12.79
N LYS A 221 -9.76 1.64 13.94
CA LYS A 221 -9.40 2.74 14.81
C LYS A 221 -8.37 3.65 14.14
N ASP A 222 -7.35 3.05 13.50
CA ASP A 222 -6.33 3.86 12.82
C ASP A 222 -6.96 4.64 11.69
N PHE A 223 -7.87 4.00 10.97
CA PHE A 223 -8.57 4.69 9.89
C PHE A 223 -9.36 5.91 10.40
N ARG A 224 -10.07 5.74 11.52
CA ARG A 224 -10.80 6.87 12.12
C ARG A 224 -9.87 7.97 12.55
N ASP A 225 -8.75 7.60 13.19
CA ASP A 225 -7.73 8.56 13.52
C ASP A 225 -7.18 9.33 12.32
N VAL A 226 -6.98 8.65 11.18
CA VAL A 226 -6.61 9.33 9.93
C VAL A 226 -7.70 10.28 9.42
N MET A 227 -8.92 9.77 9.31
CA MET A 227 -10.00 10.60 8.80
C MET A 227 -10.11 11.91 9.63
N ASP A 228 -9.93 11.82 10.94
CA ASP A 228 -10.00 12.98 11.83
C ASP A 228 -8.92 14.00 11.51
N GLN A 229 -7.81 13.53 10.92
CA GLN A 229 -6.69 14.41 10.61
C GLN A 229 -6.54 14.68 9.11
N ILE A 230 -7.60 14.48 8.36
CA ILE A 230 -7.53 14.51 6.91
C ILE A 230 -7.12 15.87 6.37
N LYS A 231 -7.28 16.90 7.20
CA LYS A 231 -6.92 18.27 6.82
C LYS A 231 -5.43 18.50 6.64
N VAL A 232 -4.60 17.53 7.02
CA VAL A 232 -3.17 17.70 6.81
C VAL A 232 -2.89 17.67 5.32
N PHE A 233 -3.84 17.17 4.55
CA PHE A 233 -3.63 17.03 3.08
C PHE A 233 -4.26 18.19 2.28
N SER A 234 -3.76 18.39 1.05
CA SER A 234 -4.25 19.42 0.16
C SER A 234 -5.74 19.27 -0.01
N ILE A 235 -6.40 20.37 -0.36
CA ILE A 235 -7.87 20.34 -0.44
C ILE A 235 -8.30 19.38 -1.54
N GLU A 236 -7.54 19.35 -2.63
CA GLU A 236 -7.88 18.46 -3.76
C GLU A 236 -7.74 16.93 -3.44
N ALA A 237 -6.80 16.61 -2.57
CA ALA A 237 -6.49 15.24 -2.20
C ALA A 237 -7.36 14.71 -1.05
N GLN A 238 -7.83 15.62 -0.18
CA GLN A 238 -8.74 15.20 0.89
C GLN A 238 -9.86 14.25 0.48
N PRO A 239 -10.80 14.69 -0.40
CA PRO A 239 -11.84 13.72 -0.80
C PRO A 239 -11.26 12.39 -1.37
N ILE A 240 -10.12 12.49 -2.02
CA ILE A 240 -9.59 11.34 -2.76
C ILE A 240 -8.98 10.33 -1.79
N ILE A 241 -8.31 10.85 -0.77
CA ILE A 241 -7.76 10.00 0.25
C ILE A 241 -8.84 9.40 1.08
N GLU A 242 -9.87 10.18 1.32
CA GLU A 242 -11.05 9.64 2.02
C GLU A 242 -11.72 8.55 1.16
N LEU A 243 -11.80 8.76 -0.15
CA LEU A 243 -12.32 7.70 -1.01
C LEU A 243 -11.46 6.41 -0.94
N ALA A 244 -10.16 6.56 -1.22
CA ALA A 244 -9.23 5.44 -1.20
C ALA A 244 -9.35 4.65 0.10
N ALA A 245 -9.41 5.37 1.20
CA ALA A 245 -9.50 4.71 2.48
C ALA A 245 -10.84 4.04 2.65
N ARG A 246 -11.91 4.72 2.27
CA ARG A 246 -13.21 4.11 2.50
C ARG A 246 -13.34 2.87 1.65
N ILE A 247 -12.81 2.92 0.45
CA ILE A 247 -12.93 1.79 -0.43
C ILE A 247 -12.18 0.57 0.16
N TYR A 248 -10.94 0.81 0.59
CA TYR A 248 -10.15 -0.23 1.23
C TYR A 248 -10.79 -0.76 2.49
N ILE A 249 -11.38 0.14 3.26
CA ILE A 249 -12.01 -0.25 4.51
C ILE A 249 -13.16 -1.21 4.30
N GLU A 250 -14.18 -0.79 3.53
CA GLU A 250 -15.20 -1.68 2.98
C GLU A 250 -14.76 -3.12 2.75
N ILE A 251 -13.50 -3.33 2.39
CA ILE A 251 -12.98 -4.68 2.24
C ILE A 251 -13.21 -5.51 3.50
N LEU A 252 -13.27 -4.84 4.64
CA LEU A 252 -13.45 -5.53 5.91
C LEU A 252 -14.85 -6.11 6.03
N ASP A 253 -15.82 -5.33 5.59
CA ASP A 253 -17.21 -5.73 5.56
C ASP A 253 -17.45 -6.79 4.51
N GLU A 254 -16.68 -6.77 3.43
CA GLU A 254 -16.77 -7.82 2.44
C GLU A 254 -16.29 -9.15 2.97
N VAL A 255 -15.19 -9.14 3.71
CA VAL A 255 -14.71 -10.35 4.32
C VAL A 255 -15.78 -10.93 5.25
N ARG A 256 -16.34 -10.09 6.12
CA ARG A 256 -17.37 -10.50 7.10
C ARG A 256 -18.56 -11.16 6.41
N GLN A 257 -19.01 -10.54 5.31
CA GLN A 257 -20.10 -11.08 4.54
C GLN A 257 -19.82 -12.39 3.86
N ALA A 258 -18.57 -12.65 3.53
CA ALA A 258 -18.17 -13.95 3.00
C ALA A 258 -17.79 -14.92 4.12
N ASN A 259 -18.27 -14.64 5.32
CA ASN A 259 -17.91 -15.40 6.53
C ASN A 259 -16.42 -15.72 6.65
N TYR A 260 -15.59 -14.73 6.33
CA TYR A 260 -14.21 -14.77 6.74
C TYR A 260 -13.50 -15.83 5.93
N THR A 261 -13.97 -16.10 4.71
CA THR A 261 -13.50 -17.29 4.02
C THR A 261 -11.99 -17.22 3.79
N LEU A 262 -11.30 -18.34 3.94
CA LEU A 262 -9.91 -18.46 3.50
C LEU A 262 -9.70 -18.91 2.06
N HIS A 263 -10.78 -19.07 1.29
CA HIS A 263 -10.63 -19.76 0.00
C HIS A 263 -10.82 -18.92 -1.26
N GLU A 264 -11.16 -17.63 -1.08
CA GLU A 264 -11.13 -16.71 -2.20
C GLU A 264 -10.74 -15.33 -1.69
N ARG A 265 -10.36 -14.47 -2.64
CA ARG A 265 -10.20 -13.05 -2.40
C ARG A 265 -11.55 -12.33 -2.52
N VAL A 266 -12.06 -11.72 -1.46
CA VAL A 266 -13.22 -10.87 -1.61
C VAL A 266 -12.85 -9.53 -2.25
N PHE A 267 -13.86 -8.74 -2.63
CA PHE A 267 -13.56 -7.50 -3.35
C PHE A 267 -14.75 -6.55 -3.27
N VAL A 268 -14.48 -5.27 -3.45
CA VAL A 268 -15.52 -4.26 -3.45
C VAL A 268 -15.84 -3.98 -4.91
N GLU A 269 -17.05 -4.34 -5.33
CA GLU A 269 -17.50 -4.11 -6.70
C GLU A 269 -17.23 -2.67 -7.13
N LYS A 270 -16.87 -2.48 -8.39
CA LYS A 270 -16.75 -1.15 -8.95
C LYS A 270 -17.99 -0.25 -8.71
N ARG A 271 -19.18 -0.86 -8.74
CA ARG A 271 -20.40 -0.08 -8.56
C ARG A 271 -20.53 0.44 -7.13
N LYS A 272 -20.04 -0.35 -6.18
CA LYS A 272 -19.96 0.03 -4.76
C LYS A 272 -18.90 1.11 -4.48
N LYS A 273 -17.80 1.07 -5.22
CA LYS A 273 -16.83 2.14 -5.19
C LYS A 273 -17.51 3.46 -5.58
N ALA A 274 -18.31 3.43 -6.64
CA ALA A 274 -18.94 4.69 -7.13
C ALA A 274 -19.93 5.24 -6.12
N LYS A 275 -20.61 4.33 -5.42
CA LYS A 275 -21.51 4.75 -4.35
C LYS A 275 -20.73 5.49 -3.26
N LEU A 276 -19.64 4.90 -2.78
CA LEU A 276 -18.75 5.58 -1.83
C LEU A 276 -18.30 6.94 -2.34
N PHE A 277 -17.88 7.03 -3.58
CA PHE A 277 -17.49 8.31 -4.16
C PHE A 277 -18.63 9.33 -4.06
N HIS A 278 -19.85 8.90 -4.36
CA HIS A 278 -21.01 9.79 -4.29
C HIS A 278 -21.20 10.35 -2.86
N GLU A 279 -21.12 9.47 -1.88
CA GLU A 279 -21.34 9.82 -0.49
C GLU A 279 -20.32 10.84 -0.04
N ILE A 280 -19.11 10.74 -0.57
CA ILE A 280 -17.99 11.61 -0.13
C ILE A 280 -17.95 12.91 -0.96
N ASN A 281 -18.12 12.76 -2.27
CA ASN A 281 -18.28 13.89 -3.19
C ASN A 281 -19.29 14.91 -2.67
N SER A 282 -20.32 14.41 -1.98
CA SER A 282 -21.41 15.24 -1.54
C SER A 282 -21.23 15.80 -0.13
N LYS A 283 -20.18 15.37 0.56
CA LYS A 283 -19.79 16.03 1.81
C LYS A 283 -18.81 17.15 1.49
N TYR A 284 -18.26 17.14 0.29
CA TYR A 284 -17.24 18.10 -0.10
C TYR A 284 -17.83 19.06 -1.11
CAA RWZ B . -1.23 6.04 1.66
CAB RWZ B . -2.24 4.57 -0.25
CAC RWZ B . 1.40 0.44 0.30
CAD RWZ B . -0.23 3.83 0.92
CAE RWZ B . -0.60 -0.99 0.44
CAF RWZ B . -0.17 2.70 0.14
CAG RWZ B . -1.91 -1.33 0.59
CAH RWZ B . -1.16 -3.19 -0.73
CAI RWZ B . -0.01 -2.40 -1.28
CAJ RWZ B . -0.87 1.51 0.77
CAK RWZ B . 3.64 -2.07 -4.11
CAL RWZ B . 3.12 -3.71 -2.35
CAM RWZ B . 4.51 -1.81 -1.81
CAN RWZ B . 1.34 -2.17 -3.22
CAO RWZ B . 2.77 -0.26 -2.73
NAP RWZ B . -2.26 -2.28 -0.46
NAQ RWZ B . 1.16 -2.78 -0.52
CAR RWZ B . -1.19 4.79 0.79
CAS RWZ B . -0.07 0.27 0.52
CAT RWZ B . 2.58 -2.98 -3.58
CAU RWZ B . 4.00 -1.08 -3.03
CAV RWZ B . 3.43 -2.71 -1.26
CAW RWZ B . 1.70 -1.16 -2.17
CAX RWZ B . 2.21 -1.89 -0.93
O1 SRT C . -5.13 -7.20 -6.49
O11 SRT C . -6.09 -7.32 -8.46
C1 SRT C . -5.94 -6.78 -7.34
C2 SRT C . -6.68 -5.49 -7.06
O2 SRT C . -7.64 -5.22 -8.07
C3 SRT C . -7.34 -5.50 -5.67
O3 SRT C . -6.31 -5.47 -4.69
C4 SRT C . -8.16 -4.26 -5.56
O4 SRT C . -9.35 -4.29 -5.93
O41 SRT C . -7.60 -3.20 -5.17
MG MG D . 5.94 -8.14 0.40
#